data_1B40
#
_entry.id   1B40
#
_cell.length_a   109.694
_cell.length_b   75.157
_cell.length_c   69.712
_cell.angle_alpha   90.00
_cell.angle_beta   90.00
_cell.angle_gamma   90.00
#
_symmetry.space_group_name_H-M   'P 21 21 21'
#
loop_
_entity.id
_entity.type
_entity.pdbx_description
1 polymer 'PROTEIN (OLIGO-PEPTIDE BINDING PROTEIN)'
2 polymer 'PROTEIN (LYS-PHE-LYS)'
3 non-polymer 'URANYL (VI) ION'
4 water water
#
loop_
_entity_poly.entity_id
_entity_poly.type
_entity_poly.pdbx_seq_one_letter_code
_entity_poly.pdbx_strand_id
1 'polypeptide(L)'
;ADVPAGVQLADKQTLVRNNGSEVQSLDPHKIEGVPESNVSRDLFEGLLISDVEGHPSPGVAEKWENKDFKVWTFHLRENA
KWSDGTPVTAHDFVYSWQRLADPNTASPYASYLQYGHIANIDDIIAGKKPATDLGVKALDDHTFEVTLSEPVPYFYKLLV
HPSVSPVPKSAVEKFGDKWTQPANIVTNGAYKLKNWVVNERIVLERNPQYWDNAKTVINQVTYLPISSEVTDVNRYRSGE
IDMTYNNMPIELFQKLKKEIPNEVRVDPYLCTYYYEINNQKAPFNDVRVRTALKLALDRDIIVNKVKNQGDLPAYSYTPP
YTDGAKLVEPEWFKWSQQKRNEEAKKLLAEAGFTADKPLTFDLLYNTSDLHKKLAIAVASIWKKNLGVNVNLENQEWKTF
LDTRHQGTFDVARAGWCADYNEPTSFLNTMLSDSSNNTAHYKSPAFDKLIADTLKVADDTQRSELYAKAEQQLDKDSAIV
PVYYYVNARLVKPWVGGYTGKDPLDNIYVKNLYIIKH
;
A
2 'polypeptide(L)' KFK B
#
# COMPACT_ATOMS: atom_id res chain seq x y z
N ALA A 1 23.62 3.62 2.69
CA ALA A 1 23.51 4.97 2.11
C ALA A 1 24.77 5.29 1.30
N ASP A 2 24.59 6.14 0.29
CA ASP A 2 25.72 6.63 -0.49
C ASP A 2 25.94 8.08 -0.16
N VAL A 3 26.72 8.42 0.82
CA VAL A 3 26.92 9.84 1.20
C VAL A 3 27.75 10.58 0.17
N PRO A 4 27.21 11.67 -0.36
CA PRO A 4 27.86 12.53 -1.34
C PRO A 4 29.19 13.11 -0.86
N ALA A 5 30.08 13.31 -1.83
CA ALA A 5 31.43 13.80 -1.53
C ALA A 5 31.42 15.11 -0.74
N GLY A 6 32.09 15.10 0.42
CA GLY A 6 32.17 16.30 1.21
C GLY A 6 31.00 16.67 2.09
N VAL A 7 29.89 15.92 2.11
CA VAL A 7 28.85 16.31 3.06
C VAL A 7 29.44 15.98 4.43
N GLN A 8 29.28 16.85 5.41
CA GLN A 8 29.75 16.60 6.76
C GLN A 8 28.57 15.91 7.48
N LEU A 9 28.81 14.80 8.15
CA LEU A 9 27.78 14.10 8.87
C LEU A 9 27.66 14.54 10.32
N ALA A 10 26.45 14.44 10.84
CA ALA A 10 26.24 14.72 12.26
C ALA A 10 27.00 13.64 13.01
N ASP A 11 27.31 13.92 14.25
CA ASP A 11 27.92 13.00 15.18
C ASP A 11 26.87 11.93 15.51
N LYS A 12 25.67 12.37 15.80
CA LYS A 12 24.54 11.54 16.16
C LYS A 12 23.69 11.14 14.96
N GLN A 13 23.68 9.85 14.61
CA GLN A 13 22.89 9.37 13.47
C GLN A 13 21.59 8.69 13.87
N THR A 14 20.62 9.43 14.35
CA THR A 14 19.33 8.89 14.77
C THR A 14 18.20 9.58 14.00
N LEU A 15 17.13 8.83 13.78
CA LEU A 15 16.07 9.39 12.95
C LEU A 15 14.75 9.11 13.61
N VAL A 16 13.87 10.08 13.62
CA VAL A 16 12.53 9.95 14.19
C VAL A 16 11.57 10.22 13.03
N ARG A 17 10.74 9.22 12.71
CA ARG A 17 9.79 9.29 11.62
C ARG A 17 8.37 9.09 12.13
N ASN A 18 7.45 9.95 11.64
CA ASN A 18 6.08 9.65 12.06
C ASN A 18 5.62 8.51 11.12
N ASN A 19 4.78 7.61 11.58
CA ASN A 19 4.34 6.46 10.79
C ASN A 19 2.83 6.30 10.71
N GLY A 20 2.10 7.40 10.94
CA GLY A 20 0.67 7.38 10.75
C GLY A 20 -0.12 6.68 11.82
N SER A 21 0.25 5.51 12.35
CA SER A 21 -0.58 4.84 13.32
C SER A 21 0.14 3.60 13.82
N GLU A 22 -0.51 2.95 14.75
CA GLU A 22 -0.02 1.74 15.33
C GLU A 22 -0.15 0.65 14.28
N VAL A 23 0.98 0.01 13.99
CA VAL A 23 1.05 -1.04 12.99
C VAL A 23 0.15 -2.19 13.38
N GLN A 24 -0.43 -2.87 12.38
CA GLN A 24 -1.24 -4.04 12.72
C GLN A 24 -0.38 -5.13 13.39
N SER A 25 0.86 -5.27 12.93
CA SER A 25 1.78 -6.30 13.30
C SER A 25 3.15 -6.07 12.69
N LEU A 26 4.13 -6.86 13.14
CA LEU A 26 5.49 -6.82 12.61
C LEU A 26 5.76 -8.11 11.81
N ASP A 27 4.88 -9.07 11.84
CA ASP A 27 4.92 -10.30 11.02
C ASP A 27 4.53 -10.03 9.58
N PRO A 28 5.46 -10.17 8.65
CA PRO A 28 5.28 -9.91 7.24
C PRO A 28 4.09 -10.53 6.52
N HIS A 29 3.67 -11.66 7.10
CA HIS A 29 2.53 -12.40 6.63
C HIS A 29 1.24 -11.90 7.27
N LYS A 30 1.30 -11.01 8.27
CA LYS A 30 0.05 -10.56 8.88
C LYS A 30 -0.29 -9.11 8.54
N ILE A 31 0.39 -8.49 7.58
CA ILE A 31 0.15 -7.05 7.34
C ILE A 31 -0.31 -6.66 5.98
N GLU A 32 -0.91 -5.47 5.87
CA GLU A 32 -1.33 -5.04 4.51
C GLU A 32 -1.23 -3.54 4.31
N GLY A 33 -0.72 -2.79 5.29
CA GLY A 33 -0.73 -1.34 5.09
C GLY A 33 0.60 -0.65 4.90
N VAL A 34 0.48 0.65 4.60
CA VAL A 34 1.67 1.53 4.42
C VAL A 34 2.50 1.66 5.67
N PRO A 35 1.85 1.89 6.82
CA PRO A 35 2.57 1.94 8.10
C PRO A 35 3.22 0.62 8.44
N GLU A 36 2.54 -0.51 8.22
CA GLU A 36 3.12 -1.83 8.48
C GLU A 36 4.35 -2.03 7.59
N SER A 37 4.23 -1.73 6.29
CA SER A 37 5.34 -1.85 5.35
C SER A 37 6.48 -0.88 5.61
N ASN A 38 6.23 0.28 6.18
CA ASN A 38 7.31 1.23 6.47
C ASN A 38 8.37 0.60 7.38
N VAL A 39 7.87 0.07 8.49
CA VAL A 39 8.69 -0.60 9.45
C VAL A 39 9.19 -1.92 8.87
N SER A 40 8.40 -2.68 8.12
CA SER A 40 8.89 -3.98 7.61
C SER A 40 10.13 -3.94 6.74
N ARG A 41 10.21 -2.92 5.92
CA ARG A 41 11.34 -2.70 5.02
C ARG A 41 12.67 -2.56 5.77
N ASP A 42 12.67 -1.98 6.97
CA ASP A 42 13.88 -1.83 7.73
C ASP A 42 14.24 -3.16 8.41
N LEU A 43 13.28 -4.05 8.69
CA LEU A 43 13.56 -5.27 9.40
C LEU A 43 13.74 -6.54 8.57
N PHE A 44 12.95 -6.78 7.56
CA PHE A 44 12.88 -7.97 6.75
C PHE A 44 13.16 -7.64 5.29
N GLU A 45 14.18 -8.32 4.76
CA GLU A 45 14.58 -8.09 3.37
C GLU A 45 14.34 -9.33 2.51
N GLY A 46 13.63 -9.09 1.40
CA GLY A 46 13.36 -10.15 0.46
C GLY A 46 14.50 -10.30 -0.58
N LEU A 47 14.14 -11.00 -1.64
CA LEU A 47 14.96 -11.26 -2.80
C LEU A 47 15.46 -9.98 -3.47
N LEU A 48 14.57 -9.02 -3.72
CA LEU A 48 14.85 -7.75 -4.34
C LEU A 48 14.36 -6.62 -3.40
N ILE A 49 14.95 -5.43 -3.53
CA ILE A 49 14.52 -4.26 -2.76
C ILE A 49 14.44 -3.09 -3.75
N SER A 50 13.76 -2.00 -3.42
CA SER A 50 13.78 -0.84 -4.31
C SER A 50 15.03 -0.05 -4.00
N ASP A 51 15.78 0.52 -4.93
CA ASP A 51 16.94 1.31 -4.50
C ASP A 51 16.45 2.67 -4.04
N VAL A 52 17.29 3.67 -3.75
CA VAL A 52 16.84 5.00 -3.33
C VAL A 52 15.92 5.67 -4.32
N GLU A 53 15.74 5.23 -5.56
CA GLU A 53 14.83 5.92 -6.45
C GLU A 53 13.67 5.00 -6.83
N GLY A 54 13.55 3.89 -6.11
CA GLY A 54 12.49 2.98 -6.48
C GLY A 54 12.75 1.88 -7.48
N HIS A 55 13.95 1.78 -8.08
CA HIS A 55 14.12 0.70 -9.06
C HIS A 55 14.36 -0.65 -8.37
N PRO A 56 13.69 -1.64 -8.88
CA PRO A 56 13.85 -3.01 -8.39
C PRO A 56 15.35 -3.28 -8.46
N SER A 57 15.96 -3.77 -7.41
CA SER A 57 17.35 -3.97 -7.24
C SER A 57 17.62 -5.17 -6.34
N PRO A 58 18.88 -5.57 -6.30
CA PRO A 58 19.29 -6.69 -5.48
C PRO A 58 19.02 -6.60 -4.00
N GLY A 59 18.38 -7.67 -3.47
CA GLY A 59 18.18 -7.68 -1.99
C GLY A 59 19.02 -8.87 -1.51
N VAL A 60 18.32 -9.91 -1.01
CA VAL A 60 18.97 -11.14 -0.63
C VAL A 60 19.51 -11.83 -1.90
N ALA A 61 18.79 -11.72 -2.99
CA ALA A 61 19.22 -12.22 -4.30
C ALA A 61 20.21 -11.24 -4.95
N GLU A 62 21.44 -11.68 -5.28
CA GLU A 62 22.40 -10.76 -5.87
C GLU A 62 22.18 -10.70 -7.38
N LYS A 63 21.62 -11.74 -7.96
CA LYS A 63 21.39 -11.75 -9.41
C LYS A 63 20.41 -12.85 -9.72
N TRP A 64 19.63 -12.72 -10.77
CA TRP A 64 18.58 -13.66 -11.11
C TRP A 64 18.37 -13.79 -12.61
N GLU A 65 17.67 -14.84 -13.05
CA GLU A 65 17.34 -15.05 -14.43
C GLU A 65 15.92 -15.60 -14.52
N ASN A 66 15.45 -15.59 -15.76
CA ASN A 66 14.14 -16.17 -16.02
C ASN A 66 14.27 -16.98 -17.32
N LYS A 67 13.42 -17.98 -17.37
CA LYS A 67 13.31 -18.81 -18.55
C LYS A 67 11.86 -18.66 -19.00
N ASP A 68 11.74 -17.91 -20.11
CA ASP A 68 10.44 -17.64 -20.70
C ASP A 68 9.48 -16.84 -19.81
N PHE A 69 10.00 -16.10 -18.82
CA PHE A 69 9.20 -15.37 -17.86
C PHE A 69 8.32 -16.32 -17.05
N LYS A 70 8.74 -17.58 -16.89
CA LYS A 70 7.93 -18.55 -16.15
C LYS A 70 8.67 -19.26 -15.03
N VAL A 71 9.99 -19.45 -15.22
CA VAL A 71 10.78 -20.11 -14.20
C VAL A 71 11.84 -19.04 -13.87
N TRP A 72 11.81 -18.61 -12.63
CA TRP A 72 12.71 -17.54 -12.18
C TRP A 72 13.69 -18.10 -11.18
N THR A 73 14.97 -17.91 -11.43
CA THR A 73 16.00 -18.48 -10.56
C THR A 73 16.73 -17.30 -9.92
N PHE A 74 16.74 -17.32 -8.61
CA PHE A 74 17.35 -16.28 -7.81
C PHE A 74 18.62 -16.77 -7.14
N HIS A 75 19.73 -16.12 -7.41
CA HIS A 75 21.01 -16.48 -6.81
C HIS A 75 21.24 -15.68 -5.55
N LEU A 76 21.16 -16.31 -4.39
CA LEU A 76 21.31 -15.60 -3.13
C LEU A 76 22.72 -15.25 -2.71
N ARG A 77 23.00 -13.98 -2.37
CA ARG A 77 24.37 -13.65 -1.94
C ARG A 77 24.74 -14.54 -0.77
N GLU A 78 25.96 -14.97 -0.69
CA GLU A 78 26.47 -15.84 0.37
C GLU A 78 26.62 -15.26 1.75
N ASN A 79 26.85 -13.97 1.91
CA ASN A 79 27.00 -13.43 3.27
C ASN A 79 25.68 -12.93 3.84
N ALA A 80 24.54 -13.17 3.21
CA ALA A 80 23.25 -12.72 3.72
C ALA A 80 23.03 -13.41 5.07
N LYS A 81 22.85 -12.64 6.13
CA LYS A 81 22.62 -13.20 7.45
C LYS A 81 21.43 -12.55 8.18
N TRP A 82 20.97 -13.28 9.19
CA TRP A 82 19.93 -12.87 10.09
C TRP A 82 20.66 -12.24 11.30
N SER A 83 19.92 -11.55 12.14
CA SER A 83 20.39 -10.87 13.31
C SER A 83 20.97 -11.80 14.36
N ASP A 84 20.68 -13.08 14.38
CA ASP A 84 21.28 -14.01 15.29
C ASP A 84 22.60 -14.50 14.65
N GLY A 85 22.96 -14.04 13.48
CA GLY A 85 24.16 -14.42 12.78
C GLY A 85 24.06 -15.63 11.88
N THR A 86 22.92 -16.29 11.81
CA THR A 86 22.76 -17.51 11.02
C THR A 86 22.40 -17.12 9.59
N PRO A 87 22.81 -17.88 8.60
CA PRO A 87 22.65 -17.51 7.21
C PRO A 87 21.23 -17.34 6.69
N VAL A 88 21.02 -16.46 5.73
CA VAL A 88 19.69 -16.39 5.12
C VAL A 88 19.75 -17.41 3.99
N THR A 89 18.84 -18.36 3.83
CA THR A 89 19.02 -19.30 2.72
C THR A 89 17.77 -19.40 1.87
N ALA A 90 17.88 -20.13 0.75
CA ALA A 90 16.70 -20.39 -0.07
C ALA A 90 15.62 -21.15 0.72
N HIS A 91 16.00 -21.96 1.68
CA HIS A 91 15.05 -22.65 2.55
C HIS A 91 14.19 -21.67 3.35
N ASP A 92 14.73 -20.51 3.69
CA ASP A 92 13.96 -19.52 4.43
C ASP A 92 12.78 -19.10 3.58
N PHE A 93 13.09 -18.75 2.33
CA PHE A 93 12.12 -18.33 1.34
C PHE A 93 11.06 -19.37 1.01
N VAL A 94 11.48 -20.66 0.93
CA VAL A 94 10.51 -21.71 0.61
C VAL A 94 9.50 -21.79 1.75
N TYR A 95 10.03 -21.85 2.97
CA TYR A 95 9.16 -21.91 4.14
C TYR A 95 8.28 -20.65 4.16
N SER A 96 8.86 -19.48 3.96
CA SER A 96 8.03 -18.25 4.11
C SER A 96 6.91 -18.14 3.09
N TRP A 97 7.15 -18.35 1.80
CA TRP A 97 6.08 -18.20 0.80
C TRP A 97 5.05 -19.30 1.00
N GLN A 98 5.50 -20.46 1.49
CA GLN A 98 4.60 -21.52 1.88
C GLN A 98 3.67 -21.07 3.01
N ARG A 99 4.20 -20.44 4.05
CA ARG A 99 3.47 -19.89 5.18
C ARG A 99 2.51 -18.78 4.72
N LEU A 100 2.87 -18.03 3.68
CA LEU A 100 2.02 -17.00 3.14
C LEU A 100 0.85 -17.63 2.38
N ALA A 101 1.11 -18.68 1.59
CA ALA A 101 0.06 -19.35 0.83
C ALA A 101 -0.92 -20.04 1.77
N ASP A 102 -0.42 -20.63 2.85
CA ASP A 102 -1.23 -21.45 3.72
C ASP A 102 -2.43 -20.73 4.31
N PRO A 103 -3.64 -21.23 4.05
CA PRO A 103 -4.86 -20.74 4.61
C PRO A 103 -4.89 -20.69 6.14
N ASN A 104 -4.12 -21.51 6.84
CA ASN A 104 -4.10 -21.41 8.30
C ASN A 104 -3.31 -20.20 8.74
N THR A 105 -2.49 -19.57 7.89
CA THR A 105 -1.91 -18.28 8.23
C THR A 105 -2.99 -17.18 8.13
N ALA A 106 -3.93 -17.36 7.20
CA ALA A 106 -4.95 -16.32 6.99
C ALA A 106 -4.25 -15.00 6.68
N SER A 107 -3.26 -14.96 5.78
CA SER A 107 -2.62 -13.68 5.47
C SER A 107 -3.60 -12.85 4.68
N PRO A 108 -3.73 -11.57 4.97
CA PRO A 108 -4.49 -10.62 4.17
C PRO A 108 -3.84 -10.43 2.79
N TYR A 109 -2.55 -10.78 2.65
CA TYR A 109 -1.92 -10.71 1.35
C TYR A 109 -1.68 -12.11 0.76
N ALA A 110 -2.54 -13.09 1.11
CA ALA A 110 -2.29 -14.44 0.55
C ALA A 110 -2.37 -14.39 -0.97
N SER A 111 -3.27 -13.57 -1.52
CA SER A 111 -3.45 -13.43 -2.96
C SER A 111 -2.23 -12.85 -3.69
N TYR A 112 -1.22 -12.32 -3.03
CA TYR A 112 -0.01 -11.84 -3.71
C TYR A 112 0.64 -12.94 -4.55
N LEU A 113 0.55 -14.21 -4.13
CA LEU A 113 1.16 -15.32 -4.86
C LEU A 113 0.26 -15.60 -6.05
N GLN A 114 -1.05 -15.37 -5.98
CA GLN A 114 -1.86 -15.44 -7.18
C GLN A 114 -1.44 -14.35 -8.15
N TYR A 115 -1.11 -13.14 -7.61
CA TYR A 115 -0.80 -12.03 -8.52
C TYR A 115 0.46 -12.39 -9.30
N GLY A 116 1.40 -13.12 -8.67
CA GLY A 116 2.61 -13.55 -9.32
C GLY A 116 2.39 -14.81 -10.15
N HIS A 117 1.28 -15.49 -9.93
CA HIS A 117 0.90 -16.71 -10.55
C HIS A 117 1.84 -17.86 -10.19
N ILE A 118 2.26 -18.00 -8.95
CA ILE A 118 3.08 -19.13 -8.56
C ILE A 118 2.20 -20.38 -8.73
N ALA A 119 2.81 -21.42 -9.31
CA ALA A 119 2.11 -22.68 -9.55
C ALA A 119 1.46 -23.23 -8.31
N ASN A 120 0.24 -23.75 -8.45
CA ASN A 120 -0.62 -24.33 -7.49
C ASN A 120 -1.20 -23.43 -6.40
N ILE A 121 -1.04 -22.11 -6.50
CA ILE A 121 -1.52 -21.22 -5.43
C ILE A 121 -3.03 -21.27 -5.27
N ASP A 122 -3.77 -21.33 -6.40
CA ASP A 122 -5.22 -21.42 -6.25
C ASP A 122 -5.69 -22.61 -5.44
N ASP A 123 -5.13 -23.80 -5.58
CA ASP A 123 -5.62 -24.95 -4.84
C ASP A 123 -5.12 -24.88 -3.40
N ILE A 124 -4.00 -24.20 -3.21
CA ILE A 124 -3.49 -24.04 -1.85
C ILE A 124 -4.41 -23.07 -1.12
N ILE A 125 -4.82 -21.91 -1.67
CA ILE A 125 -5.69 -21.01 -0.92
C ILE A 125 -7.00 -21.73 -0.60
N ALA A 126 -7.54 -22.45 -1.57
CA ALA A 126 -8.72 -23.25 -1.48
C ALA A 126 -8.67 -24.47 -0.55
N GLY A 127 -7.54 -24.97 -0.01
CA GLY A 127 -7.61 -26.14 0.84
C GLY A 127 -7.52 -27.47 0.08
N LYS A 128 -7.46 -27.44 -1.25
CA LYS A 128 -7.36 -28.62 -2.09
C LYS A 128 -5.97 -29.24 -2.10
N LYS A 129 -4.91 -28.43 -1.98
CA LYS A 129 -3.54 -28.92 -1.96
C LYS A 129 -2.80 -28.31 -0.76
N PRO A 130 -1.94 -29.07 -0.11
CA PRO A 130 -1.10 -28.60 0.97
C PRO A 130 -0.13 -27.54 0.49
N ALA A 131 0.39 -26.67 1.33
CA ALA A 131 1.22 -25.51 1.02
C ALA A 131 2.59 -25.88 0.51
N THR A 132 3.04 -27.07 0.91
CA THR A 132 4.33 -27.61 0.49
C THR A 132 4.32 -27.86 -1.00
N ASP A 133 3.16 -27.87 -1.65
CA ASP A 133 3.09 -27.99 -3.07
C ASP A 133 3.30 -26.70 -3.87
N LEU A 134 3.45 -25.57 -3.19
CA LEU A 134 3.64 -24.30 -3.91
C LEU A 134 4.75 -24.34 -4.93
N GLY A 135 4.68 -23.72 -6.11
CA GLY A 135 5.79 -23.87 -7.06
C GLY A 135 7.07 -23.15 -6.73
N VAL A 136 7.71 -23.39 -5.60
CA VAL A 136 8.92 -22.79 -5.17
C VAL A 136 9.89 -23.89 -4.70
N LYS A 137 11.18 -23.79 -5.01
CA LYS A 137 12.07 -24.77 -4.42
C LYS A 137 13.42 -24.17 -4.19
N ALA A 138 14.12 -24.58 -3.15
CA ALA A 138 15.48 -24.18 -2.89
C ALA A 138 16.30 -25.22 -3.69
N LEU A 139 17.05 -24.79 -4.71
CA LEU A 139 17.88 -25.73 -5.47
C LEU A 139 19.11 -26.09 -4.64
N ASP A 140 19.46 -25.15 -3.76
CA ASP A 140 20.50 -25.30 -2.79
C ASP A 140 20.36 -24.21 -1.74
N ASP A 141 21.22 -24.10 -0.77
CA ASP A 141 21.12 -23.08 0.27
C ASP A 141 21.10 -21.69 -0.34
N HIS A 142 21.66 -21.41 -1.53
CA HIS A 142 21.68 -20.09 -2.10
C HIS A 142 21.00 -19.96 -3.44
N THR A 143 20.00 -20.79 -3.72
CA THR A 143 19.40 -20.69 -5.05
C THR A 143 17.92 -20.99 -4.87
N PHE A 144 17.08 -20.01 -5.15
CA PHE A 144 15.65 -20.16 -4.93
C PHE A 144 15.00 -20.09 -6.31
N GLU A 145 14.23 -21.08 -6.69
CA GLU A 145 13.58 -21.13 -8.00
C GLU A 145 12.07 -21.06 -7.90
N VAL A 146 11.46 -20.23 -8.73
CA VAL A 146 10.03 -20.03 -8.69
C VAL A 146 9.49 -20.40 -10.07
N THR A 147 8.43 -21.17 -10.05
CA THR A 147 7.77 -21.61 -11.27
C THR A 147 6.35 -21.05 -11.32
N LEU A 148 6.02 -20.22 -12.28
CA LEU A 148 4.72 -19.68 -12.53
C LEU A 148 3.89 -20.54 -13.50
N SER A 149 2.56 -20.45 -13.35
CA SER A 149 1.65 -21.13 -14.27
C SER A 149 1.58 -20.41 -15.61
N GLU A 150 2.06 -19.18 -15.76
CA GLU A 150 2.10 -18.53 -17.08
C GLU A 150 3.15 -17.44 -17.11
N PRO A 151 3.61 -17.04 -18.28
CA PRO A 151 4.61 -15.98 -18.38
C PRO A 151 4.12 -14.66 -17.76
N VAL A 152 4.97 -14.11 -16.89
CA VAL A 152 4.73 -12.85 -16.18
C VAL A 152 6.03 -12.05 -16.27
N PRO A 153 6.15 -11.22 -17.30
CA PRO A 153 7.38 -10.50 -17.55
C PRO A 153 7.78 -9.52 -16.48
N TYR A 154 6.83 -8.93 -15.75
CA TYR A 154 7.07 -7.98 -14.68
C TYR A 154 7.15 -8.70 -13.32
N PHE A 155 7.17 -10.03 -13.32
CA PHE A 155 7.21 -10.78 -12.09
C PHE A 155 8.22 -10.30 -11.05
N TYR A 156 9.49 -10.14 -11.38
CA TYR A 156 10.49 -9.71 -10.40
C TYR A 156 10.14 -8.41 -9.69
N LYS A 157 9.34 -7.51 -10.26
CA LYS A 157 8.92 -6.25 -9.64
C LYS A 157 8.03 -6.47 -8.42
N LEU A 158 7.32 -7.60 -8.31
CA LEU A 158 6.50 -7.91 -7.16
C LEU A 158 7.31 -8.17 -5.90
N LEU A 159 8.57 -8.59 -6.02
CA LEU A 159 9.44 -9.06 -5.02
C LEU A 159 9.94 -8.08 -3.98
N VAL A 160 9.70 -6.79 -4.16
CA VAL A 160 10.06 -5.80 -3.14
C VAL A 160 9.00 -5.72 -2.04
N HIS A 161 7.83 -6.33 -2.15
CA HIS A 161 6.74 -6.27 -1.18
C HIS A 161 6.98 -7.07 0.08
N PRO A 162 6.52 -6.58 1.26
CA PRO A 162 6.73 -7.23 2.53
C PRO A 162 6.21 -8.64 2.64
N SER A 163 5.15 -8.97 1.93
CA SER A 163 4.54 -10.28 2.00
C SER A 163 5.45 -11.39 1.51
N VAL A 164 6.44 -11.11 0.69
CA VAL A 164 7.39 -12.08 0.15
C VAL A 164 8.79 -11.95 0.75
N SER A 165 8.82 -11.35 1.92
CA SER A 165 9.97 -11.26 2.81
C SER A 165 10.00 -12.53 3.68
N PRO A 166 11.23 -12.95 3.97
CA PRO A 166 11.45 -14.19 4.73
C PRO A 166 11.11 -13.99 6.19
N VAL A 167 10.60 -15.02 6.83
CA VAL A 167 10.29 -14.99 8.25
C VAL A 167 11.11 -16.15 8.79
N PRO A 168 11.64 -16.04 9.99
CA PRO A 168 12.52 -17.07 10.55
C PRO A 168 11.76 -18.16 11.26
N LYS A 169 11.59 -19.31 10.61
CA LYS A 169 10.80 -20.42 11.11
C LYS A 169 10.96 -20.81 12.57
N SER A 170 12.19 -20.93 13.05
CA SER A 170 12.40 -21.31 14.45
C SER A 170 11.91 -20.23 15.41
N ALA A 171 11.81 -18.95 15.07
CA ALA A 171 11.26 -18.02 16.05
C ALA A 171 9.73 -18.17 15.95
N VAL A 172 9.21 -18.26 14.73
CA VAL A 172 7.76 -18.44 14.58
C VAL A 172 7.23 -19.68 15.30
N GLU A 173 7.88 -20.81 15.12
CA GLU A 173 7.46 -22.06 15.72
C GLU A 173 7.55 -22.16 17.24
N LYS A 174 8.56 -21.60 17.85
CA LYS A 174 8.70 -21.67 19.29
C LYS A 174 7.88 -20.62 19.99
N PHE A 175 7.71 -19.42 19.40
CA PHE A 175 6.99 -18.36 20.08
C PHE A 175 5.63 -18.00 19.53
N GLY A 176 5.21 -18.61 18.43
CA GLY A 176 3.90 -18.30 17.87
C GLY A 176 3.76 -16.80 17.67
N ASP A 177 2.57 -16.26 17.87
CA ASP A 177 2.30 -14.83 17.73
C ASP A 177 3.20 -13.92 18.57
N LYS A 178 4.05 -14.38 19.47
CA LYS A 178 4.96 -13.56 20.23
C LYS A 178 6.38 -13.56 19.65
N TRP A 179 6.51 -14.20 18.50
CA TRP A 179 7.78 -14.24 17.75
C TRP A 179 8.27 -12.85 17.43
N THR A 180 7.35 -11.88 17.23
CA THR A 180 7.79 -10.54 16.92
C THR A 180 8.14 -9.70 18.14
N GLN A 181 8.04 -10.22 19.36
CA GLN A 181 8.44 -9.42 20.52
C GLN A 181 9.94 -9.21 20.39
N PRO A 182 10.47 -8.14 20.93
CA PRO A 182 11.86 -7.79 20.80
C PRO A 182 12.79 -8.83 21.36
N ALA A 183 12.33 -9.59 22.38
CA ALA A 183 13.19 -10.60 22.98
C ALA A 183 13.24 -11.85 22.11
N ASN A 184 12.25 -12.02 21.25
CA ASN A 184 12.13 -13.21 20.44
C ASN A 184 12.44 -13.01 18.96
N ILE A 185 12.20 -11.81 18.44
CA ILE A 185 12.37 -11.60 17.00
C ILE A 185 13.78 -11.73 16.49
N VAL A 186 13.89 -12.15 15.23
CA VAL A 186 15.16 -12.30 14.53
C VAL A 186 14.92 -11.65 13.18
N THR A 187 15.75 -10.75 12.70
CA THR A 187 15.50 -10.08 11.42
C THR A 187 16.66 -10.13 10.44
N ASN A 188 16.39 -9.90 9.14
CA ASN A 188 17.49 -9.92 8.19
C ASN A 188 17.63 -8.61 7.42
N GLY A 189 16.94 -7.55 7.82
CA GLY A 189 17.16 -6.27 7.13
C GLY A 189 18.27 -5.46 7.77
N ALA A 190 18.43 -4.19 7.41
CA ALA A 190 19.45 -3.33 8.00
C ALA A 190 19.30 -3.09 9.49
N TYR A 191 18.08 -3.18 10.01
CA TYR A 191 17.79 -2.96 11.43
C TYR A 191 17.32 -4.18 12.18
N LYS A 192 17.21 -4.10 13.48
CA LYS A 192 16.72 -5.02 14.47
C LYS A 192 15.70 -4.29 15.34
N LEU A 193 14.78 -5.05 15.92
CA LEU A 193 13.75 -4.45 16.74
C LEU A 193 14.33 -4.15 18.12
N LYS A 194 14.43 -2.89 18.55
CA LYS A 194 14.98 -2.69 19.88
C LYS A 194 13.84 -2.58 20.88
N ASN A 195 12.83 -1.77 20.56
CA ASN A 195 11.73 -1.53 21.49
C ASN A 195 10.39 -1.45 20.76
N TRP A 196 9.34 -1.91 21.40
CA TRP A 196 8.01 -1.74 20.85
C TRP A 196 7.00 -1.45 21.96
N VAL A 197 6.59 -0.18 22.05
CA VAL A 197 5.61 0.28 23.01
C VAL A 197 4.35 0.64 22.19
N VAL A 198 3.30 -0.17 22.24
CA VAL A 198 2.10 0.02 21.46
C VAL A 198 1.49 1.39 21.72
N ASN A 199 1.29 2.19 20.68
CA ASN A 199 0.76 3.53 20.69
C ASN A 199 1.69 4.55 21.32
N GLU A 200 2.97 4.19 21.41
CA GLU A 200 3.98 5.10 21.91
C GLU A 200 5.08 5.17 20.84
N ARG A 201 5.87 4.11 20.68
CA ARG A 201 6.94 4.14 19.69
C ARG A 201 7.46 2.74 19.30
N ILE A 202 8.11 2.65 18.13
CA ILE A 202 8.84 1.46 17.71
C ILE A 202 10.30 1.92 17.47
N VAL A 203 11.27 1.37 18.16
CA VAL A 203 12.65 1.79 18.05
C VAL A 203 13.51 0.70 17.39
N LEU A 204 14.13 1.03 16.23
CA LEU A 204 14.94 0.03 15.54
C LEU A 204 16.43 0.36 15.72
N GLU A 205 17.24 -0.67 15.88
CA GLU A 205 18.66 -0.45 16.07
C GLU A 205 19.37 -1.14 14.90
N ARG A 206 20.46 -0.55 14.46
CA ARG A 206 21.20 -1.15 13.35
C ARG A 206 21.55 -2.63 13.56
N ASN A 207 21.36 -3.46 12.55
CA ASN A 207 21.71 -4.87 12.63
C ASN A 207 23.10 -5.11 12.05
N PRO A 208 24.08 -5.37 12.90
CA PRO A 208 25.47 -5.60 12.52
C PRO A 208 25.66 -6.81 11.60
N GLN A 209 24.78 -7.78 11.65
CA GLN A 209 24.82 -8.94 10.79
C GLN A 209 24.34 -8.62 9.39
N TYR A 210 23.60 -7.53 9.15
CA TYR A 210 23.14 -7.20 7.82
C TYR A 210 24.28 -7.28 6.82
N TRP A 211 24.08 -7.91 5.68
CA TRP A 211 25.13 -8.03 4.67
C TRP A 211 25.64 -6.68 4.18
N ASP A 212 24.76 -5.69 4.01
CA ASP A 212 25.29 -4.40 3.52
C ASP A 212 25.51 -3.39 4.65
N ASN A 213 25.74 -3.88 5.88
CA ASN A 213 25.89 -3.06 7.05
C ASN A 213 26.87 -1.91 6.94
N ALA A 214 28.00 -2.13 6.26
CA ALA A 214 29.07 -1.16 6.11
C ALA A 214 28.55 0.09 5.45
N LYS A 215 27.54 0.08 4.62
CA LYS A 215 26.93 1.26 4.04
C LYS A 215 25.76 1.81 4.84
N THR A 216 25.30 1.17 5.91
CA THR A 216 24.23 1.69 6.74
C THR A 216 24.71 2.84 7.61
N VAL A 217 24.01 3.97 7.69
CA VAL A 217 24.55 5.12 8.45
C VAL A 217 23.69 5.47 9.65
N ILE A 218 22.36 5.52 9.49
CA ILE A 218 21.51 5.78 10.66
C ILE A 218 21.71 4.63 11.64
N ASN A 219 22.03 4.95 12.89
CA ASN A 219 22.20 3.87 13.84
C ASN A 219 20.91 3.47 14.53
N GLN A 220 19.92 4.34 14.59
CA GLN A 220 18.69 4.00 15.30
C GLN A 220 17.52 4.82 14.74
N VAL A 221 16.40 4.13 14.51
CA VAL A 221 15.27 4.92 14.01
C VAL A 221 14.04 4.63 14.84
N THR A 222 13.27 5.65 15.15
CA THR A 222 12.01 5.48 15.88
C THR A 222 10.82 5.75 14.98
N TYR A 223 9.87 4.86 15.00
CA TYR A 223 8.67 5.07 14.20
C TYR A 223 7.54 5.43 15.19
N LEU A 224 6.96 6.60 14.98
CA LEU A 224 5.86 7.02 15.86
C LEU A 224 4.52 6.72 15.19
N PRO A 225 3.50 6.51 16.00
CA PRO A 225 2.18 6.17 15.54
C PRO A 225 1.18 7.31 15.64
N ILE A 226 1.55 8.52 15.27
CA ILE A 226 0.65 9.67 15.44
C ILE A 226 -0.36 9.75 14.32
N SER A 227 -1.64 9.57 14.55
CA SER A 227 -2.59 9.67 13.44
C SER A 227 -3.13 11.07 13.19
N SER A 228 -2.78 12.04 14.04
CA SER A 228 -3.17 13.42 13.79
C SER A 228 -2.14 14.08 12.87
N GLU A 229 -2.48 14.41 11.62
CA GLU A 229 -1.47 15.11 10.80
C GLU A 229 -1.06 16.44 11.45
N VAL A 230 -1.93 17.15 12.18
CA VAL A 230 -1.62 18.41 12.85
C VAL A 230 -0.57 18.23 13.94
N THR A 231 -0.74 17.15 14.70
CA THR A 231 0.21 16.85 15.77
C THR A 231 1.58 16.46 15.24
N ASP A 232 1.57 15.75 14.10
CA ASP A 232 2.83 15.29 13.48
C ASP A 232 3.59 16.52 12.97
N VAL A 233 2.89 17.42 12.27
CA VAL A 233 3.48 18.67 11.82
C VAL A 233 4.00 19.44 13.06
N ASN A 234 3.19 19.46 14.12
CA ASN A 234 3.53 20.18 15.33
C ASN A 234 4.77 19.58 15.94
N ARG A 235 4.90 18.25 15.99
CA ARG A 235 6.12 17.78 16.68
C ARG A 235 7.34 17.78 15.77
N TYR A 236 7.06 17.88 14.49
CA TYR A 236 8.14 18.03 13.51
C TYR A 236 8.70 19.44 13.73
N ARG A 237 7.85 20.45 13.65
CA ARG A 237 8.29 21.84 13.83
C ARG A 237 8.85 22.12 15.20
N SER A 238 8.44 21.32 16.20
CA SER A 238 9.03 21.51 17.52
C SER A 238 10.44 20.89 17.59
N GLY A 239 10.90 20.06 16.62
CA GLY A 239 12.25 19.50 16.75
C GLY A 239 12.28 18.01 17.08
N GLU A 240 11.22 17.41 17.63
CA GLU A 240 11.16 15.99 17.93
C GLU A 240 11.14 15.09 16.68
N ILE A 241 10.34 15.42 15.69
CA ILE A 241 10.18 14.57 14.52
C ILE A 241 11.04 14.98 13.35
N ASP A 242 11.75 14.09 12.68
CA ASP A 242 12.54 14.45 11.53
C ASP A 242 11.83 14.32 10.19
N MET A 243 10.98 13.34 10.01
CA MET A 243 10.27 13.19 8.75
C MET A 243 8.81 12.92 9.12
N THR A 244 7.86 13.74 8.71
CA THR A 244 6.49 13.35 9.11
C THR A 244 6.08 12.11 8.27
N TYR A 245 4.85 11.68 8.55
CA TYR A 245 4.17 10.68 7.74
C TYR A 245 3.62 11.45 6.55
N ASN A 246 3.36 10.80 5.43
CA ASN A 246 2.96 11.49 4.23
C ASN A 246 1.45 11.50 4.07
N ASN A 247 0.81 12.23 4.92
CA ASN A 247 -0.58 12.61 5.04
C ASN A 247 -0.49 14.06 5.60
N MET A 248 -0.93 15.02 4.85
CA MET A 248 -0.82 16.41 5.34
C MET A 248 -2.15 16.96 5.82
N PRO A 249 -2.15 17.71 6.91
CA PRO A 249 -3.34 18.34 7.46
C PRO A 249 -3.82 19.58 6.74
N ILE A 250 -5.15 19.67 6.64
CA ILE A 250 -5.81 20.81 6.02
C ILE A 250 -5.65 22.09 6.82
N GLU A 251 -5.46 21.98 8.13
CA GLU A 251 -5.36 23.17 8.94
C GLU A 251 -4.12 23.99 8.64
N LEU A 252 -3.03 23.30 8.30
CA LEU A 252 -1.74 23.96 8.19
C LEU A 252 -0.98 23.94 6.88
N PHE A 253 -1.30 23.10 5.92
CA PHE A 253 -0.47 22.90 4.73
C PHE A 253 -0.19 24.19 3.98
N GLN A 254 -1.21 24.95 3.55
CA GLN A 254 -0.91 26.21 2.85
C GLN A 254 0.11 27.01 3.65
N LYS A 255 -0.09 27.27 4.94
CA LYS A 255 0.87 27.99 5.77
C LYS A 255 2.28 27.42 5.64
N LEU A 256 2.41 26.09 5.69
CA LEU A 256 3.70 25.44 5.60
C LEU A 256 4.39 25.72 4.28
N LYS A 257 3.57 25.71 3.24
CA LYS A 257 3.99 26.01 1.87
C LYS A 257 4.70 27.37 1.87
N LYS A 258 4.10 28.34 2.58
CA LYS A 258 4.69 29.66 2.64
C LYS A 258 5.78 29.74 3.70
N GLU A 259 5.66 29.15 4.87
CA GLU A 259 6.68 29.29 5.90
C GLU A 259 7.94 28.49 5.71
N ILE A 260 7.89 27.23 5.28
CA ILE A 260 9.09 26.39 5.13
C ILE A 260 9.10 25.65 3.80
N PRO A 261 9.13 26.38 2.68
CA PRO A 261 9.12 25.83 1.34
C PRO A 261 10.09 24.70 1.09
N ASN A 262 11.31 24.80 1.54
CA ASN A 262 12.33 23.81 1.28
C ASN A 262 12.08 22.46 1.94
N GLU A 263 11.40 22.49 3.08
CA GLU A 263 11.11 21.26 3.80
C GLU A 263 9.86 20.56 3.30
N VAL A 264 9.04 21.15 2.44
CA VAL A 264 7.80 20.50 2.06
C VAL A 264 8.05 19.64 0.84
N ARG A 265 8.10 18.33 0.97
CA ARG A 265 8.40 17.49 -0.19
C ARG A 265 7.10 17.07 -0.83
N VAL A 266 6.95 17.41 -2.11
CA VAL A 266 5.71 17.11 -2.83
C VAL A 266 6.08 16.37 -4.10
N ASP A 267 5.85 15.05 -4.12
CA ASP A 267 6.29 14.24 -5.28
C ASP A 267 5.23 13.27 -5.77
N PRO A 268 5.46 12.71 -6.94
CA PRO A 268 4.50 11.82 -7.58
C PRO A 268 4.26 10.58 -6.75
N TYR A 269 3.06 10.04 -6.71
CA TYR A 269 2.80 8.90 -5.83
C TYR A 269 1.70 8.07 -6.46
N LEU A 270 1.93 6.75 -6.51
CA LEU A 270 0.96 5.90 -7.19
C LEU A 270 -0.09 5.37 -6.22
N CYS A 271 -0.88 6.32 -5.67
CA CYS A 271 -1.96 5.91 -4.77
C CYS A 271 -3.22 6.65 -5.21
N THR A 272 -4.34 6.00 -4.91
CA THR A 272 -5.64 6.57 -5.27
C THR A 272 -6.50 6.65 -4.04
N TYR A 273 -7.15 7.79 -3.82
CA TYR A 273 -8.05 8.05 -2.70
C TYR A 273 -9.47 7.88 -3.27
N TYR A 274 -10.27 7.05 -2.64
CA TYR A 274 -11.57 6.71 -3.17
C TYR A 274 -12.46 6.48 -1.97
N TYR A 275 -13.77 6.48 -2.23
CA TYR A 275 -14.68 6.04 -1.15
C TYR A 275 -15.08 4.61 -1.59
N GLU A 276 -14.59 3.61 -0.91
CA GLU A 276 -14.86 2.21 -1.16
C GLU A 276 -16.30 1.90 -0.76
N ILE A 277 -17.04 1.34 -1.71
CA ILE A 277 -18.43 0.95 -1.45
C ILE A 277 -18.48 -0.53 -1.11
N ASN A 278 -19.31 -0.97 -0.16
CA ASN A 278 -19.46 -2.40 0.10
C ASN A 278 -20.41 -2.99 -0.96
N ASN A 279 -19.81 -3.59 -2.01
CA ASN A 279 -20.65 -4.04 -3.12
C ASN A 279 -21.61 -5.18 -2.76
N GLN A 280 -21.43 -5.92 -1.66
CA GLN A 280 -22.44 -6.96 -1.45
C GLN A 280 -23.52 -6.60 -0.46
N LYS A 281 -23.69 -5.39 0.01
CA LYS A 281 -24.72 -5.06 0.96
C LYS A 281 -25.77 -4.11 0.38
N ALA A 282 -27.05 -4.43 0.62
CA ALA A 282 -28.10 -3.52 0.14
C ALA A 282 -28.04 -2.25 0.97
N PRO A 283 -28.27 -1.09 0.38
CA PRO A 283 -28.63 -0.95 -1.01
C PRO A 283 -27.48 -0.69 -1.95
N PHE A 284 -26.25 -1.02 -1.53
CA PHE A 284 -25.06 -0.72 -2.31
C PHE A 284 -24.73 -1.77 -3.36
N ASN A 285 -25.53 -2.83 -3.41
CA ASN A 285 -25.49 -3.84 -4.43
C ASN A 285 -26.30 -3.46 -5.66
N ASP A 286 -26.87 -2.26 -5.66
CA ASP A 286 -27.58 -1.65 -6.74
C ASP A 286 -26.72 -0.58 -7.44
N VAL A 287 -26.26 -0.84 -8.65
CA VAL A 287 -25.44 0.07 -9.44
C VAL A 287 -25.90 1.52 -9.56
N ARG A 288 -27.21 1.74 -9.60
CA ARG A 288 -27.78 3.08 -9.60
C ARG A 288 -27.39 3.86 -8.35
N VAL A 289 -27.41 3.22 -7.18
CA VAL A 289 -27.02 3.92 -5.97
C VAL A 289 -25.55 4.28 -6.03
N ARG A 290 -24.73 3.29 -6.39
CA ARG A 290 -23.30 3.46 -6.46
C ARG A 290 -22.91 4.52 -7.49
N THR A 291 -23.57 4.59 -8.63
CA THR A 291 -23.28 5.62 -9.63
C THR A 291 -23.69 7.00 -9.14
N ALA A 292 -24.82 7.08 -8.42
CA ALA A 292 -25.25 8.39 -7.90
C ALA A 292 -24.19 9.01 -7.01
N LEU A 293 -23.61 8.25 -6.08
CA LEU A 293 -22.58 8.75 -5.17
C LEU A 293 -21.28 9.12 -5.88
N LYS A 294 -20.93 8.36 -6.92
CA LYS A 294 -19.72 8.58 -7.68
C LYS A 294 -19.86 9.93 -8.40
N LEU A 295 -20.99 10.10 -9.09
CA LEU A 295 -21.26 11.33 -9.79
C LEU A 295 -21.55 12.54 -8.93
N ALA A 296 -22.25 12.48 -7.82
CA ALA A 296 -22.57 13.66 -7.01
C ALA A 296 -21.42 14.17 -6.17
N LEU A 297 -20.37 13.39 -6.03
CA LEU A 297 -19.21 13.89 -5.26
C LEU A 297 -18.51 14.87 -6.21
N ASP A 298 -18.25 16.06 -5.71
CA ASP A 298 -17.60 17.10 -6.49
C ASP A 298 -16.10 17.14 -6.23
N ARG A 299 -15.37 16.55 -7.19
CA ARG A 299 -13.93 16.44 -7.07
C ARG A 299 -13.22 17.78 -7.08
N ASP A 300 -13.68 18.72 -7.89
CA ASP A 300 -13.10 20.07 -7.95
C ASP A 300 -13.15 20.74 -6.59
N ILE A 301 -14.26 20.66 -5.88
CA ILE A 301 -14.34 21.20 -4.54
C ILE A 301 -13.43 20.47 -3.57
N ILE A 302 -13.57 19.14 -3.52
CA ILE A 302 -12.73 18.38 -2.59
C ILE A 302 -11.24 18.57 -2.89
N VAL A 303 -10.85 18.29 -4.13
CA VAL A 303 -9.43 18.35 -4.43
C VAL A 303 -8.83 19.74 -4.57
N ASN A 304 -9.42 20.64 -5.35
CA ASN A 304 -8.86 21.99 -5.49
C ASN A 304 -9.21 23.02 -4.43
N LYS A 305 -10.39 23.00 -3.84
CA LYS A 305 -10.77 24.00 -2.85
C LYS A 305 -10.53 23.52 -1.42
N VAL A 306 -11.05 22.37 -0.99
CA VAL A 306 -10.83 21.97 0.39
C VAL A 306 -9.47 21.36 0.65
N LYS A 307 -8.88 20.56 -0.23
CA LYS A 307 -7.58 19.96 0.13
C LYS A 307 -6.48 20.84 -0.45
N ASN A 308 -6.56 21.02 -1.77
CA ASN A 308 -5.60 21.85 -2.47
C ASN A 308 -4.15 21.62 -2.01
N GLN A 309 -3.64 20.40 -2.19
CA GLN A 309 -2.29 20.07 -1.80
C GLN A 309 -1.52 19.51 -2.98
N GLY A 310 -2.05 19.65 -4.17
CA GLY A 310 -1.42 19.18 -5.38
C GLY A 310 -2.03 17.88 -5.92
N ASP A 311 -3.11 17.39 -5.32
CA ASP A 311 -3.70 16.15 -5.84
C ASP A 311 -4.47 16.41 -7.14
N LEU A 312 -4.66 15.33 -7.89
CA LEU A 312 -5.43 15.38 -9.13
C LEU A 312 -6.73 14.63 -9.12
N PRO A 313 -7.81 15.30 -9.49
CA PRO A 313 -9.16 14.69 -9.52
C PRO A 313 -9.08 13.33 -10.15
N ALA A 314 -9.74 12.30 -9.66
CA ALA A 314 -9.64 10.95 -10.20
C ALA A 314 -10.90 10.46 -10.87
N TYR A 315 -10.73 9.59 -11.88
CA TYR A 315 -11.89 9.03 -12.58
C TYR A 315 -11.75 7.53 -12.73
N SER A 316 -10.69 6.99 -12.13
CA SER A 316 -10.38 5.57 -12.15
C SER A 316 -9.73 5.10 -10.84
N TYR A 317 -9.58 3.77 -10.73
CA TYR A 317 -8.88 3.16 -9.60
C TYR A 317 -7.38 3.21 -9.87
N THR A 318 -6.92 2.56 -10.93
CA THR A 318 -5.50 2.63 -11.23
C THR A 318 -5.12 4.08 -11.55
N PRO A 319 -4.02 4.57 -10.99
CA PRO A 319 -3.51 5.88 -11.28
C PRO A 319 -3.02 5.88 -12.73
N PRO A 320 -3.41 6.89 -13.54
CA PRO A 320 -3.15 6.96 -14.95
C PRO A 320 -1.70 7.17 -15.33
N TYR A 321 -0.86 7.57 -14.38
CA TYR A 321 0.56 7.66 -14.60
C TYR A 321 1.28 6.39 -14.15
N THR A 322 0.54 5.35 -13.77
CA THR A 322 1.16 4.03 -13.48
C THR A 322 1.82 3.58 -14.79
N ASP A 323 2.99 2.96 -14.60
CA ASP A 323 3.67 2.32 -15.71
C ASP A 323 2.84 1.27 -16.45
N GLY A 324 2.43 1.54 -17.68
CA GLY A 324 1.64 0.60 -18.47
C GLY A 324 0.17 1.03 -18.53
N ALA A 325 -0.20 2.12 -17.82
CA ALA A 325 -1.57 2.57 -17.89
C ALA A 325 -1.77 3.58 -19.03
N LYS A 326 -2.74 3.33 -19.87
CA LYS A 326 -3.23 4.11 -20.96
C LYS A 326 -4.76 4.01 -20.85
N LEU A 327 -5.31 4.76 -19.90
CA LEU A 327 -6.69 4.75 -19.51
C LEU A 327 -7.57 5.72 -20.30
N VAL A 328 -8.83 5.35 -20.46
CA VAL A 328 -9.82 6.13 -21.16
C VAL A 328 -10.60 6.94 -20.11
N GLU A 329 -10.49 8.24 -20.11
CA GLU A 329 -11.21 9.10 -19.17
C GLU A 329 -12.67 9.09 -19.59
N PRO A 330 -13.52 8.65 -18.68
CA PRO A 330 -14.93 8.47 -19.00
C PRO A 330 -15.58 9.81 -19.28
N GLU A 331 -16.68 9.83 -19.98
CA GLU A 331 -17.46 11.00 -20.33
C GLU A 331 -18.01 11.81 -19.18
N TRP A 332 -18.48 11.13 -18.14
CA TRP A 332 -19.00 11.78 -16.94
C TRP A 332 -17.97 12.65 -16.25
N PHE A 333 -16.67 12.33 -16.34
CA PHE A 333 -15.64 13.16 -15.71
C PHE A 333 -15.53 14.55 -16.35
N LYS A 334 -15.80 14.64 -17.64
CA LYS A 334 -15.73 15.90 -18.39
C LYS A 334 -16.98 16.75 -18.20
N TRP A 335 -18.09 16.19 -17.76
CA TRP A 335 -19.30 16.98 -17.58
C TRP A 335 -19.13 18.07 -16.55
N SER A 336 -20.17 18.90 -16.46
CA SER A 336 -20.25 19.94 -15.44
C SER A 336 -20.69 19.17 -14.18
N GLN A 337 -20.54 19.77 -13.02
CA GLN A 337 -20.97 19.12 -11.78
C GLN A 337 -22.50 19.05 -11.70
N GLN A 338 -23.19 20.07 -12.23
CA GLN A 338 -24.64 20.14 -12.22
C GLN A 338 -25.20 19.01 -13.08
N LYS A 339 -24.59 18.80 -14.23
CA LYS A 339 -25.04 17.66 -15.04
C LYS A 339 -24.80 16.33 -14.32
N ARG A 340 -23.63 16.18 -13.66
CA ARG A 340 -23.41 14.98 -12.87
C ARG A 340 -24.45 14.84 -11.74
N ASN A 341 -24.71 15.98 -11.11
CA ASN A 341 -25.66 16.03 -10.01
C ASN A 341 -27.06 15.64 -10.49
N GLU A 342 -27.51 16.11 -11.64
CA GLU A 342 -28.88 15.80 -12.09
C GLU A 342 -29.01 14.29 -12.31
N GLU A 343 -28.06 13.73 -13.03
CA GLU A 343 -27.91 12.32 -13.34
C GLU A 343 -27.94 11.46 -12.08
N ALA A 344 -27.16 11.85 -11.06
CA ALA A 344 -27.09 11.18 -9.79
C ALA A 344 -28.46 11.18 -9.10
N LYS A 345 -29.11 12.35 -9.03
CA LYS A 345 -30.43 12.41 -8.44
C LYS A 345 -31.47 11.55 -9.17
N LYS A 346 -31.41 11.51 -10.49
CA LYS A 346 -32.29 10.71 -11.31
C LYS A 346 -32.12 9.23 -10.99
N LEU A 347 -30.87 8.75 -10.93
CA LEU A 347 -30.66 7.32 -10.64
C LEU A 347 -31.19 6.95 -9.26
N LEU A 348 -30.98 7.82 -8.27
CA LEU A 348 -31.49 7.54 -6.95
C LEU A 348 -33.01 7.48 -6.98
N ALA A 349 -33.68 8.42 -7.62
CA ALA A 349 -35.13 8.33 -7.76
C ALA A 349 -35.49 7.02 -8.43
N GLU A 350 -34.80 6.59 -9.47
CA GLU A 350 -35.06 5.28 -10.05
C GLU A 350 -34.82 4.17 -9.04
N ALA A 351 -33.93 4.35 -8.07
CA ALA A 351 -33.64 3.32 -7.07
C ALA A 351 -34.73 3.32 -5.99
N GLY A 352 -35.57 4.33 -6.00
CA GLY A 352 -36.70 4.45 -5.14
C GLY A 352 -36.38 5.25 -3.90
N PHE A 353 -35.39 6.13 -3.93
CA PHE A 353 -35.12 6.95 -2.76
C PHE A 353 -35.93 8.24 -2.83
N THR A 354 -36.76 8.53 -1.84
CA THR A 354 -37.62 9.70 -1.83
C THR A 354 -37.20 10.73 -0.80
N ALA A 355 -37.81 11.93 -0.75
CA ALA A 355 -37.39 12.86 0.29
C ALA A 355 -37.95 12.39 1.64
N ASP A 356 -39.09 11.71 1.62
CA ASP A 356 -39.68 11.23 2.87
C ASP A 356 -38.84 10.05 3.35
N LYS A 357 -38.31 9.23 2.45
CA LYS A 357 -37.44 8.12 2.86
C LYS A 357 -36.11 8.26 2.13
N PRO A 358 -35.22 9.12 2.63
CA PRO A 358 -33.96 9.41 1.97
C PRO A 358 -32.96 8.26 2.05
N LEU A 359 -31.88 8.35 1.33
CA LEU A 359 -30.83 7.34 1.40
C LEU A 359 -29.87 7.81 2.50
N THR A 360 -29.80 7.00 3.53
CA THR A 360 -29.01 7.27 4.73
C THR A 360 -28.07 6.11 5.02
N PHE A 361 -26.80 6.42 5.28
CA PHE A 361 -25.84 5.35 5.48
C PHE A 361 -24.61 5.87 6.24
N ASP A 362 -23.71 4.91 6.51
CA ASP A 362 -22.49 5.23 7.20
C ASP A 362 -21.26 5.42 6.33
N LEU A 363 -20.41 6.31 6.89
CA LEU A 363 -19.16 6.61 6.21
C LEU A 363 -18.07 6.44 7.25
N LEU A 364 -17.40 5.31 7.03
CA LEU A 364 -16.32 4.89 7.93
C LEU A 364 -14.96 5.41 7.48
N TYR A 365 -14.17 5.95 8.38
CA TYR A 365 -12.83 6.42 8.03
C TYR A 365 -11.83 6.06 9.11
N ASN A 366 -10.53 6.00 8.78
CA ASN A 366 -9.54 5.78 9.83
C ASN A 366 -9.20 7.10 10.52
N THR A 367 -9.27 7.11 11.85
CA THR A 367 -8.94 8.28 12.65
C THR A 367 -7.86 9.13 12.01
N SER A 368 -8.17 10.40 11.76
CA SER A 368 -7.24 11.29 11.06
C SER A 368 -7.81 12.69 10.91
N ASP A 369 -7.02 13.75 11.02
CA ASP A 369 -7.56 15.07 10.75
C ASP A 369 -8.01 15.18 9.29
N LEU A 370 -7.06 14.82 8.43
CA LEU A 370 -7.30 14.82 7.01
C LEU A 370 -8.58 14.07 6.64
N HIS A 371 -8.71 12.82 7.05
CA HIS A 371 -9.88 12.06 6.65
C HIS A 371 -11.15 12.60 7.31
N LYS A 372 -11.10 13.12 8.53
CA LYS A 372 -12.30 13.65 9.14
C LYS A 372 -12.76 14.90 8.35
N LYS A 373 -11.85 15.85 8.14
CA LYS A 373 -12.17 17.00 7.28
C LYS A 373 -12.64 16.64 5.88
N LEU A 374 -12.01 15.67 5.20
CA LEU A 374 -12.56 15.28 3.89
C LEU A 374 -13.91 14.60 4.06
N ALA A 375 -14.11 13.83 5.11
CA ALA A 375 -15.38 13.15 5.35
C ALA A 375 -16.58 14.07 5.57
N ILE A 376 -16.30 15.19 6.25
CA ILE A 376 -17.30 16.22 6.57
C ILE A 376 -17.66 16.96 5.30
N ALA A 377 -16.68 17.33 4.46
CA ALA A 377 -17.00 18.00 3.20
C ALA A 377 -17.74 17.08 2.29
N VAL A 378 -17.35 15.79 2.22
CA VAL A 378 -18.09 14.85 1.37
C VAL A 378 -19.53 14.72 1.85
N ALA A 379 -19.71 14.50 3.14
CA ALA A 379 -21.04 14.46 3.73
C ALA A 379 -21.93 15.63 3.30
N SER A 380 -21.40 16.84 3.44
CA SER A 380 -22.04 18.07 3.07
C SER A 380 -22.36 18.13 1.59
N ILE A 381 -21.35 17.84 0.76
CA ILE A 381 -21.51 17.84 -0.69
C ILE A 381 -22.63 16.90 -1.10
N TRP A 382 -22.60 15.66 -0.61
CA TRP A 382 -23.58 14.63 -0.90
C TRP A 382 -24.95 15.03 -0.39
N LYS A 383 -24.93 15.64 0.81
CA LYS A 383 -26.18 16.15 1.37
C LYS A 383 -26.75 17.22 0.43
N LYS A 384 -26.02 18.25 0.10
CA LYS A 384 -26.62 19.29 -0.75
C LYS A 384 -26.71 18.89 -2.21
N ASN A 385 -25.91 17.95 -2.75
CA ASN A 385 -26.05 17.69 -4.17
C ASN A 385 -27.03 16.57 -4.44
N LEU A 386 -27.17 15.68 -3.45
CA LEU A 386 -28.01 14.51 -3.81
C LEU A 386 -29.09 14.21 -2.81
N GLY A 387 -29.09 14.87 -1.66
CA GLY A 387 -30.09 14.60 -0.65
C GLY A 387 -29.85 13.34 0.18
N VAL A 388 -28.61 12.85 0.28
CA VAL A 388 -28.33 11.69 1.11
C VAL A 388 -27.79 12.06 2.48
N ASN A 389 -28.15 11.26 3.48
CA ASN A 389 -27.68 11.49 4.84
C ASN A 389 -26.57 10.52 5.22
N VAL A 390 -25.48 11.09 5.74
CA VAL A 390 -24.33 10.22 6.04
C VAL A 390 -23.93 10.24 7.48
N ASN A 391 -23.67 9.07 8.09
CA ASN A 391 -23.20 9.07 9.47
C ASN A 391 -21.71 8.70 9.49
N LEU A 392 -20.93 9.63 9.98
CA LEU A 392 -19.50 9.52 10.09
C LEU A 392 -19.04 8.67 11.26
N GLU A 393 -18.08 7.77 10.97
CA GLU A 393 -17.55 6.91 12.04
C GLU A 393 -16.03 6.76 11.89
N ASN A 394 -15.28 6.99 12.97
CA ASN A 394 -13.84 6.77 12.87
C ASN A 394 -13.47 5.53 13.70
N GLN A 395 -12.42 4.83 13.35
CA GLN A 395 -11.85 3.68 13.99
C GLN A 395 -10.33 3.78 13.86
N GLU A 396 -9.55 3.30 14.80
CA GLU A 396 -8.11 3.23 14.76
C GLU A 396 -7.73 2.40 13.52
N TRP A 397 -6.60 2.65 12.91
CA TRP A 397 -6.18 1.94 11.71
C TRP A 397 -6.44 0.44 11.73
N LYS A 398 -5.99 -0.26 12.77
CA LYS A 398 -6.11 -1.72 12.86
C LYS A 398 -7.54 -2.22 12.77
N THR A 399 -8.40 -1.59 13.55
CA THR A 399 -9.83 -1.99 13.60
C THR A 399 -10.54 -1.69 12.28
N PHE A 400 -10.15 -0.53 11.75
CA PHE A 400 -10.66 -0.08 10.47
C PHE A 400 -10.35 -1.11 9.37
N LEU A 401 -9.15 -1.62 9.18
CA LEU A 401 -8.89 -2.61 8.13
C LEU A 401 -9.76 -3.87 8.32
N ASP A 402 -9.79 -4.26 9.61
CA ASP A 402 -10.56 -5.44 10.00
C ASP A 402 -12.03 -5.21 9.77
N THR A 403 -12.59 -4.03 10.05
CA THR A 403 -13.99 -3.84 9.68
C THR A 403 -14.22 -4.03 8.20
N ARG A 404 -13.38 -3.42 7.35
CA ARG A 404 -13.55 -3.54 5.90
C ARG A 404 -13.47 -4.98 5.41
N HIS A 405 -12.57 -5.79 5.94
CA HIS A 405 -12.48 -7.21 5.54
C HIS A 405 -13.76 -7.94 5.96
N GLN A 406 -14.29 -7.56 7.13
CA GLN A 406 -15.51 -8.20 7.59
C GLN A 406 -16.72 -7.90 6.74
N GLY A 407 -16.78 -6.78 6.03
CA GLY A 407 -18.03 -6.52 5.29
C GLY A 407 -18.97 -5.87 6.32
N THR A 408 -18.48 -5.40 7.49
CA THR A 408 -19.40 -4.77 8.44
C THR A 408 -19.46 -3.26 8.12
N PHE A 409 -19.85 -2.95 6.84
CA PHE A 409 -19.88 -1.53 6.51
C PHE A 409 -20.69 -1.20 5.27
N ASP A 410 -20.87 0.11 5.08
CA ASP A 410 -21.57 0.65 3.94
C ASP A 410 -20.54 1.23 2.95
N VAL A 411 -19.99 2.38 3.39
CA VAL A 411 -19.04 3.10 2.60
C VAL A 411 -17.84 3.34 3.51
N ALA A 412 -16.64 3.31 2.95
CA ALA A 412 -15.49 3.55 3.78
C ALA A 412 -14.46 4.32 2.93
N ARG A 413 -13.81 5.24 3.62
CA ARG A 413 -12.73 6.04 3.06
C ARG A 413 -11.60 5.06 2.76
N ALA A 414 -10.89 5.18 1.65
CA ALA A 414 -9.89 4.17 1.35
C ALA A 414 -8.78 4.82 0.52
N GLY A 415 -7.67 4.08 0.52
CA GLY A 415 -6.54 4.57 -0.27
C GLY A 415 -5.77 3.32 -0.70
N TRP A 416 -5.46 3.17 -1.96
CA TRP A 416 -4.63 1.99 -2.30
C TRP A 416 -3.36 2.50 -2.96
N CYS A 417 -2.20 1.98 -2.57
CA CYS A 417 -0.92 2.42 -3.08
C CYS A 417 -0.28 1.22 -3.79
N ALA A 418 0.33 1.42 -4.95
CA ALA A 418 0.89 0.26 -5.65
C ALA A 418 1.95 -0.49 -4.82
N ASP A 419 1.92 -1.81 -5.01
CA ASP A 419 2.93 -2.69 -4.44
C ASP A 419 4.05 -2.86 -5.45
N TYR A 420 3.82 -2.67 -6.73
CA TYR A 420 4.84 -2.74 -7.75
C TYR A 420 4.36 -1.85 -8.91
N ASN A 421 5.23 -1.27 -9.72
CA ASN A 421 4.72 -0.34 -10.73
C ASN A 421 4.23 -0.98 -12.02
N GLU A 422 2.96 -1.37 -11.95
CA GLU A 422 2.26 -2.01 -13.08
C GLU A 422 0.81 -2.00 -12.66
N PRO A 423 -0.12 -1.85 -13.60
CA PRO A 423 -1.54 -1.75 -13.30
C PRO A 423 -2.19 -2.87 -12.53
N THR A 424 -1.76 -4.11 -12.59
CA THR A 424 -2.35 -5.25 -11.88
C THR A 424 -2.14 -5.14 -10.39
N SER A 425 -1.11 -4.41 -9.97
CA SER A 425 -0.92 -4.06 -8.56
C SER A 425 -2.19 -3.40 -8.04
N PHE A 426 -2.91 -2.63 -8.83
CA PHE A 426 -4.24 -2.15 -8.49
C PHE A 426 -5.36 -3.12 -8.87
N LEU A 427 -5.43 -3.44 -10.17
CA LEU A 427 -6.48 -4.28 -10.75
C LEU A 427 -6.66 -5.65 -10.15
N ASN A 428 -5.61 -6.36 -9.73
CA ASN A 428 -5.74 -7.65 -9.07
C ASN A 428 -6.50 -7.66 -7.76
N THR A 429 -6.56 -6.52 -7.06
CA THR A 429 -7.26 -6.35 -5.80
C THR A 429 -8.77 -6.37 -5.98
N MET A 430 -9.23 -6.11 -7.20
CA MET A 430 -10.67 -6.19 -7.51
C MET A 430 -11.08 -7.55 -8.08
N LEU A 431 -10.19 -8.51 -8.23
CA LEU A 431 -10.61 -9.85 -8.69
C LEU A 431 -11.54 -10.47 -7.65
N SER A 432 -12.55 -11.22 -8.06
CA SER A 432 -13.51 -11.87 -7.22
C SER A 432 -13.03 -12.50 -5.93
N ASP A 433 -11.97 -13.29 -6.06
CA ASP A 433 -11.36 -13.95 -4.92
C ASP A 433 -10.09 -13.28 -4.41
N SER A 434 -9.92 -11.96 -4.57
CA SER A 434 -8.67 -11.39 -4.05
C SER A 434 -8.75 -11.26 -2.54
N SER A 435 -7.69 -11.65 -1.80
CA SER A 435 -7.71 -11.38 -0.36
C SER A 435 -7.68 -9.88 -0.09
N ASN A 436 -7.30 -9.01 -1.04
CA ASN A 436 -7.26 -7.56 -0.87
C ASN A 436 -8.61 -6.90 -1.19
N ASN A 437 -9.59 -7.69 -1.64
CA ASN A 437 -10.85 -7.16 -2.11
C ASN A 437 -11.81 -6.74 -1.00
N THR A 438 -11.61 -5.64 -0.32
CA THR A 438 -12.49 -5.16 0.75
C THR A 438 -13.70 -4.42 0.22
N ALA A 439 -13.77 -4.25 -1.10
CA ALA A 439 -14.92 -3.68 -1.79
C ALA A 439 -15.97 -4.79 -1.92
N HIS A 440 -15.50 -6.06 -1.79
CA HIS A 440 -16.40 -7.20 -1.90
C HIS A 440 -17.10 -7.19 -3.26
N TYR A 441 -16.36 -6.80 -4.28
CA TYR A 441 -16.79 -6.72 -5.66
C TYR A 441 -16.47 -8.01 -6.43
N LYS A 442 -17.50 -8.57 -7.07
CA LYS A 442 -17.34 -9.79 -7.85
C LYS A 442 -17.95 -9.58 -9.24
N SER A 443 -17.07 -9.45 -10.21
CA SER A 443 -17.51 -9.33 -11.60
C SER A 443 -16.76 -10.32 -12.50
N PRO A 444 -17.48 -11.32 -12.99
CA PRO A 444 -16.95 -12.31 -13.93
C PRO A 444 -16.35 -11.70 -15.17
N ALA A 445 -17.00 -10.65 -15.70
CA ALA A 445 -16.43 -9.95 -16.86
C ALA A 445 -15.12 -9.24 -16.47
N PHE A 446 -15.11 -8.69 -15.24
CA PHE A 446 -13.91 -8.01 -14.78
C PHE A 446 -12.78 -9.04 -14.67
N ASP A 447 -13.08 -10.17 -14.05
CA ASP A 447 -12.12 -11.25 -13.83
C ASP A 447 -11.50 -11.76 -15.14
N LYS A 448 -12.32 -11.94 -16.17
CA LYS A 448 -11.93 -12.42 -17.48
C LYS A 448 -11.01 -11.44 -18.23
N LEU A 449 -11.32 -10.17 -18.24
CA LEU A 449 -10.46 -9.13 -18.80
C LEU A 449 -9.06 -9.23 -18.25
N ILE A 450 -8.88 -9.29 -16.93
CA ILE A 450 -7.61 -9.45 -16.25
C ILE A 450 -7.01 -10.84 -16.48
N ALA A 451 -7.77 -11.92 -16.54
CA ALA A 451 -7.21 -13.25 -16.84
C ALA A 451 -6.61 -13.23 -18.25
N ASP A 452 -7.26 -12.51 -19.18
CA ASP A 452 -6.71 -12.40 -20.53
C ASP A 452 -5.42 -11.61 -20.66
N THR A 453 -5.05 -10.76 -19.70
CA THR A 453 -3.86 -9.95 -19.81
C THR A 453 -2.61 -10.80 -19.99
N LEU A 454 -2.54 -11.98 -19.37
CA LEU A 454 -1.33 -12.78 -19.48
C LEU A 454 -1.47 -13.89 -20.53
N LYS A 455 -2.58 -13.96 -21.25
CA LYS A 455 -2.77 -14.89 -22.34
C LYS A 455 -2.40 -14.22 -23.67
N VAL A 456 -1.97 -12.97 -23.63
CA VAL A 456 -1.49 -12.26 -24.80
C VAL A 456 -0.02 -11.99 -24.47
N ALA A 457 0.86 -11.73 -25.42
CA ALA A 457 2.26 -11.43 -25.07
C ALA A 457 2.60 -10.08 -25.71
N ASP A 458 1.63 -9.19 -25.57
CA ASP A 458 1.70 -7.87 -26.18
C ASP A 458 1.36 -6.78 -25.16
N ASP A 459 2.24 -5.78 -25.08
CA ASP A 459 2.10 -4.68 -24.15
C ASP A 459 0.90 -3.79 -24.43
N THR A 460 0.73 -3.52 -25.72
CA THR A 460 -0.41 -2.71 -26.15
C THR A 460 -1.66 -3.49 -25.81
N GLN A 461 -1.63 -4.77 -26.19
CA GLN A 461 -2.76 -5.64 -25.90
C GLN A 461 -3.16 -5.66 -24.42
N ARG A 462 -2.14 -5.80 -23.61
CA ARG A 462 -2.28 -5.81 -22.15
C ARG A 462 -2.70 -4.45 -21.62
N SER A 463 -2.22 -3.31 -22.10
CA SER A 463 -2.70 -2.01 -21.63
C SER A 463 -4.15 -1.77 -22.05
N GLU A 464 -4.49 -2.22 -23.27
CA GLU A 464 -5.88 -2.03 -23.71
C GLU A 464 -6.81 -2.82 -22.79
N LEU A 465 -6.46 -4.05 -22.41
CA LEU A 465 -7.30 -4.82 -21.49
C LEU A 465 -7.32 -4.19 -20.09
N TYR A 466 -6.25 -3.50 -19.65
CA TYR A 466 -6.31 -2.84 -18.35
C TYR A 466 -7.32 -1.71 -18.41
N ALA A 467 -7.26 -1.01 -19.57
CA ALA A 467 -8.13 0.10 -19.88
C ALA A 467 -9.57 -0.37 -19.89
N LYS A 468 -9.80 -1.54 -20.49
CA LYS A 468 -11.15 -2.11 -20.50
C LYS A 468 -11.55 -2.60 -19.13
N ALA A 469 -10.58 -3.04 -18.33
CA ALA A 469 -10.96 -3.50 -16.98
C ALA A 469 -11.36 -2.28 -16.13
N GLU A 470 -10.64 -1.15 -16.31
CA GLU A 470 -11.02 0.07 -15.58
C GLU A 470 -12.42 0.51 -16.02
N GLN A 471 -12.74 0.44 -17.31
CA GLN A 471 -14.08 0.79 -17.78
C GLN A 471 -15.14 -0.15 -17.22
N GLN A 472 -14.87 -1.42 -17.01
CA GLN A 472 -15.84 -2.34 -16.42
C GLN A 472 -16.14 -1.94 -14.98
N LEU A 473 -15.06 -1.68 -14.27
CA LEU A 473 -15.09 -1.19 -12.89
C LEU A 473 -15.88 0.12 -12.82
N ASP A 474 -15.66 1.04 -13.75
CA ASP A 474 -16.39 2.30 -13.79
C ASP A 474 -17.85 2.12 -14.20
N LYS A 475 -18.09 1.12 -15.05
CA LYS A 475 -19.43 0.77 -15.51
C LYS A 475 -20.23 0.29 -14.30
N ASP A 476 -19.58 -0.48 -13.43
CA ASP A 476 -20.28 -0.99 -12.24
C ASP A 476 -20.27 -0.04 -11.05
N SER A 477 -19.54 1.07 -11.14
CA SER A 477 -19.41 1.97 -9.98
C SER A 477 -19.07 1.18 -8.72
N ALA A 478 -17.95 0.46 -8.83
CA ALA A 478 -17.47 -0.38 -7.74
C ALA A 478 -17.04 0.49 -6.56
N ILE A 479 -16.36 1.58 -6.91
CA ILE A 479 -15.85 2.54 -5.95
C ILE A 479 -16.27 3.95 -6.37
N VAL A 480 -15.81 4.95 -5.64
CA VAL A 480 -15.94 6.35 -5.92
C VAL A 480 -14.51 6.93 -5.89
N PRO A 481 -13.92 7.05 -7.07
CA PRO A 481 -12.60 7.63 -7.19
C PRO A 481 -12.68 9.08 -6.70
N VAL A 482 -11.70 9.47 -5.87
CA VAL A 482 -11.67 10.87 -5.44
C VAL A 482 -10.49 11.61 -6.08
N TYR A 483 -9.24 11.28 -5.77
CA TYR A 483 -8.09 11.97 -6.35
C TYR A 483 -6.88 11.03 -6.41
N TYR A 484 -5.91 11.27 -7.26
CA TYR A 484 -4.66 10.52 -7.29
C TYR A 484 -3.75 11.27 -6.33
N TYR A 485 -3.09 10.63 -5.38
CA TYR A 485 -2.30 11.33 -4.40
C TYR A 485 -0.99 11.85 -5.01
N VAL A 486 -0.42 12.79 -4.25
CA VAL A 486 0.92 13.21 -4.37
C VAL A 486 1.53 12.77 -3.03
N ASN A 487 2.83 12.61 -3.03
CA ASN A 487 3.51 12.20 -1.81
C ASN A 487 3.95 13.48 -1.10
N ALA A 488 3.24 13.97 -0.13
CA ALA A 488 3.54 15.23 0.52
C ALA A 488 3.84 15.00 2.01
N ARG A 489 4.98 15.45 2.44
CA ARG A 489 5.46 15.29 3.79
C ARG A 489 6.52 16.35 4.07
N LEU A 490 6.84 16.47 5.35
CA LEU A 490 7.86 17.43 5.77
C LEU A 490 9.10 16.59 6.07
N VAL A 491 10.24 17.06 5.60
CA VAL A 491 11.53 16.41 5.82
C VAL A 491 12.54 17.45 6.25
N LYS A 492 13.17 17.20 7.41
CA LYS A 492 14.15 18.19 7.92
C LYS A 492 15.24 18.41 6.91
N PRO A 493 15.78 19.63 6.83
CA PRO A 493 16.85 19.98 5.92
C PRO A 493 18.09 19.12 6.04
N TRP A 494 18.37 18.55 7.17
CA TRP A 494 19.49 17.69 7.45
C TRP A 494 19.23 16.21 7.18
N VAL A 495 18.07 15.82 6.66
CA VAL A 495 17.90 14.40 6.34
C VAL A 495 18.39 14.14 4.92
N GLY A 496 19.56 13.50 4.78
CA GLY A 496 20.00 13.24 3.41
C GLY A 496 19.50 11.87 2.95
N GLY A 497 19.36 11.73 1.62
CA GLY A 497 19.02 10.49 1.00
C GLY A 497 17.59 10.25 0.60
N TYR A 498 16.65 11.15 0.88
CA TYR A 498 15.26 11.03 0.47
C TYR A 498 15.10 11.80 -0.85
N THR A 499 15.18 11.07 -1.95
CA THR A 499 15.20 11.67 -3.28
C THR A 499 13.85 12.14 -3.73
N GLY A 500 12.78 11.53 -3.19
CA GLY A 500 11.43 11.83 -3.64
C GLY A 500 11.22 11.20 -5.03
N LYS A 501 12.12 10.42 -5.60
CA LYS A 501 11.91 9.85 -6.93
C LYS A 501 11.22 8.50 -6.97
N ASP A 502 11.08 7.79 -5.84
CA ASP A 502 10.37 6.50 -5.91
C ASP A 502 8.88 6.76 -5.81
N PRO A 503 8.11 6.41 -6.83
CA PRO A 503 6.67 6.65 -6.82
C PRO A 503 5.91 5.68 -5.92
N LEU A 504 6.61 4.70 -5.33
CA LEU A 504 5.95 3.83 -4.37
C LEU A 504 6.30 4.30 -2.96
N ASP A 505 7.24 5.25 -2.83
CA ASP A 505 7.62 5.69 -1.48
C ASP A 505 8.14 4.50 -0.65
N ASN A 506 8.92 3.60 -1.27
CA ASN A 506 9.50 2.47 -0.59
C ASN A 506 10.80 2.88 0.07
N ILE A 507 10.75 3.72 1.11
CA ILE A 507 11.95 4.23 1.77
C ILE A 507 12.55 3.18 2.69
N TYR A 508 13.87 3.09 2.69
CA TYR A 508 14.63 2.28 3.58
C TYR A 508 15.48 3.23 4.46
N VAL A 509 15.48 3.12 5.76
CA VAL A 509 16.34 3.94 6.62
C VAL A 509 17.83 3.70 6.43
N LYS A 510 18.21 2.49 5.97
CA LYS A 510 19.62 2.25 5.63
C LYS A 510 20.18 3.14 4.52
N ASN A 511 19.36 3.80 3.72
CA ASN A 511 19.76 4.70 2.67
C ASN A 511 19.79 6.17 3.10
N LEU A 512 19.48 6.50 4.32
CA LEU A 512 19.41 7.86 4.82
C LEU A 512 20.63 8.25 5.64
N TYR A 513 20.75 9.56 5.92
CA TYR A 513 21.88 10.03 6.72
C TYR A 513 21.59 11.41 7.28
N ILE A 514 22.08 11.67 8.46
CA ILE A 514 21.92 13.00 9.07
C ILE A 514 23.08 13.93 8.71
N ILE A 515 22.70 15.06 8.07
CA ILE A 515 23.78 16.02 7.74
C ILE A 515 24.05 16.82 9.02
N LYS A 516 25.30 17.16 9.30
CA LYS A 516 25.67 17.90 10.50
C LYS A 516 24.93 19.22 10.69
N HIS A 517 24.16 19.45 11.72
CA HIS A 517 23.45 20.74 11.87
C HIS A 517 23.55 21.16 13.32
N LYS B 1 -0.84 -1.81 -1.40
CA LYS B 1 -1.01 -1.81 0.09
C LYS B 1 -2.01 -0.74 0.53
N PHE B 2 -2.70 -0.96 1.64
CA PHE B 2 -3.67 -0.03 2.16
C PHE B 2 -3.05 1.25 2.76
N LYS B 3 -3.59 2.43 2.40
CA LYS B 3 -3.10 3.66 2.98
C LYS B 3 -4.27 4.49 3.53
#